data_3SZQ
#
_entry.id   3SZQ
#
_cell.length_a   157.050
_cell.length_b   157.050
_cell.length_c   157.050
_cell.angle_alpha   90.00
_cell.angle_beta   90.00
_cell.angle_gamma   90.00
#
_symmetry.space_group_name_H-M   'I 4 3 2'
#
loop_
_entity.id
_entity.type
_entity.pdbx_description
1 polymer 'Aprataxin-like protein'
2 polymer "5'-D(*CP*CP*CP*TP*G)-3'"
3 polymer "5'-D(*TP*AP*TP*CP*GP*GP*AP*AP*TP*CP*AP*GP*GP*G)-3'"
4 non-polymer 'ADENOSINE MONOPHOSPHATE'
5 non-polymer BETA-MERCAPTOETHANOL
6 non-polymer 'ZINC ION'
7 water water
#
loop_
_entity_poly.entity_id
_entity_poly.type
_entity_poly.pdbx_seq_one_letter_code
_entity_poly.pdbx_strand_id
1 'polypeptide(L)'
;GSHMKQSFRDNLKVYIESPESYKNVIYYDDDVVLVRDMFPKSKMHLLLMTRDPHLTHVHPLEIMMKHRSLVEKLVSYVQG
DLSGLIFDEARNCLSQQLTNEALCNYIKVGFHAGPSMNNLHLHIMTLDHVSPSLKNSAHYISFTSPFFVKIDTPTSNLPT
RGTLTSLFQEDLKCWRCGETFGRHFTKLKAHLQEEYDDWLDKSVSM
;
A
2 'polydeoxyribonucleotide' (DC)(DC)(DC)(DT)(DG) B
3 'polydeoxyribonucleotide' (DT)(DA)(DT)(DC)(DG)(DG)(DA)(DA)(DT)(DC)(DA)(DG)(DG)(DG) C
#
loop_
_chem_comp.id
_chem_comp.type
_chem_comp.name
_chem_comp.formula
AMP non-polymer 'ADENOSINE MONOPHOSPHATE' 'C10 H14 N5 O7 P'
BME non-polymer BETA-MERCAPTOETHANOL 'C2 H6 O S'
DA DNA linking 2'-DEOXYADENOSINE-5'-MONOPHOSPHATE 'C10 H14 N5 O6 P'
DC DNA linking 2'-DEOXYCYTIDINE-5'-MONOPHOSPHATE 'C9 H14 N3 O7 P'
DG DNA linking 2'-DEOXYGUANOSINE-5'-MONOPHOSPHATE 'C10 H14 N5 O7 P'
DT DNA linking THYMIDINE-5'-MONOPHOSPHATE 'C10 H15 N2 O8 P'
ZN non-polymer 'ZINC ION' 'Zn 2'
#
# COMPACT_ATOMS: atom_id res chain seq x y z
N GLN A 6 2.00 -14.73 18.47
CA GLN A 6 1.96 -14.37 19.88
C GLN A 6 1.27 -13.02 20.09
N SER A 7 1.79 -11.99 19.42
CA SER A 7 1.20 -10.66 19.51
C SER A 7 0.39 -10.27 18.27
N PHE A 8 -0.20 -9.08 18.32
CA PHE A 8 -0.90 -8.52 17.18
C PHE A 8 -0.01 -8.42 15.92
N ARG A 9 1.31 -8.36 16.13
N ARG A 9 1.30 -8.38 16.14
CA ARG A 9 2.24 -8.18 15.02
CA ARG A 9 2.27 -8.21 15.07
C ARG A 9 2.33 -9.40 14.11
C ARG A 9 2.28 -9.38 14.10
N ASP A 10 1.76 -10.52 14.56
CA ASP A 10 1.73 -11.73 13.74
C ASP A 10 0.36 -11.93 13.10
N ASN A 11 -0.52 -10.95 13.24
CA ASN A 11 -1.88 -11.04 12.71
C ASN A 11 -2.03 -11.37 11.23
N LEU A 12 -1.07 -10.98 10.39
CA LEU A 12 -1.17 -11.24 8.94
C LEU A 12 -0.80 -12.68 8.59
N LYS A 13 -0.20 -13.37 9.57
CA LYS A 13 0.31 -14.72 9.37
C LYS A 13 -0.73 -15.72 8.84
N VAL A 14 -1.96 -15.63 9.34
CA VAL A 14 -2.97 -16.60 8.94
C VAL A 14 -3.25 -16.58 7.44
N TYR A 15 -2.99 -15.44 6.80
CA TYR A 15 -3.26 -15.32 5.37
C TYR A 15 -2.30 -16.14 4.54
N ILE A 16 -1.06 -16.28 5.00
CA ILE A 16 -0.08 -17.06 4.25
C ILE A 16 -0.02 -18.52 4.71
N GLU A 17 -0.54 -18.79 5.89
CA GLU A 17 -0.61 -20.17 6.40
C GLU A 17 -1.83 -20.86 5.82
N SER A 18 -2.95 -20.16 5.85
CA SER A 18 -4.23 -20.74 5.53
C SER A 18 -5.09 -19.78 4.69
N PRO A 19 -4.59 -19.40 3.51
CA PRO A 19 -5.37 -18.52 2.62
C PRO A 19 -6.73 -19.13 2.24
N GLU A 20 -6.84 -20.46 2.30
CA GLU A 20 -8.08 -21.13 1.92
C GLU A 20 -9.20 -20.86 2.91
N SER A 21 -8.87 -20.21 4.01
CA SER A 21 -9.85 -19.96 5.06
C SER A 21 -10.45 -18.57 5.03
N TYR A 22 -9.99 -17.71 4.13
CA TYR A 22 -10.38 -16.29 4.15
C TYR A 22 -10.90 -15.75 2.84
N LYS A 23 -12.17 -15.36 2.83
CA LYS A 23 -12.81 -14.87 1.60
C LYS A 23 -12.16 -13.59 1.09
N ASN A 24 -11.51 -12.82 1.97
CA ASN A 24 -10.83 -11.60 1.54
C ASN A 24 -9.42 -11.85 0.96
N VAL A 25 -9.00 -13.11 0.95
CA VAL A 25 -7.86 -13.50 0.14
C VAL A 25 -8.35 -13.69 -1.30
N ILE A 26 -8.09 -12.70 -2.14
CA ILE A 26 -8.61 -12.70 -3.50
C ILE A 26 -7.69 -13.41 -4.52
N TYR A 27 -6.52 -13.84 -4.05
CA TYR A 27 -5.62 -14.69 -4.83
C TYR A 27 -4.65 -15.44 -3.92
N TYR A 28 -4.41 -16.71 -4.23
CA TYR A 28 -3.28 -17.40 -3.62
C TYR A 28 -2.74 -18.50 -4.53
N ASP A 29 -1.44 -18.75 -4.39
CA ASP A 29 -0.79 -19.95 -4.92
C ASP A 29 0.31 -20.37 -3.93
N ASP A 30 1.26 -21.20 -4.35
CA ASP A 30 2.28 -21.66 -3.42
C ASP A 30 3.21 -20.55 -2.92
N ASP A 31 3.35 -19.49 -3.72
CA ASP A 31 4.34 -18.45 -3.47
C ASP A 31 3.80 -17.17 -2.83
N VAL A 32 2.59 -16.75 -3.19
CA VAL A 32 2.07 -15.45 -2.73
C VAL A 32 0.59 -15.48 -2.40
N VAL A 33 0.16 -14.43 -1.71
CA VAL A 33 -1.21 -14.23 -1.30
C VAL A 33 -1.57 -12.75 -1.49
N LEU A 34 -2.67 -12.49 -2.16
CA LEU A 34 -3.22 -11.13 -2.29
C LEU A 34 -4.45 -11.04 -1.41
N VAL A 35 -4.42 -10.18 -0.40
CA VAL A 35 -5.51 -10.11 0.55
C VAL A 35 -5.92 -8.64 0.72
N ARG A 36 -7.21 -8.41 0.92
CA ARG A 36 -7.71 -7.06 1.23
C ARG A 36 -7.19 -6.57 2.57
N ASP A 37 -6.81 -5.30 2.64
CA ASP A 37 -6.41 -4.68 3.90
C ASP A 37 -7.66 -4.50 4.76
N MET A 38 -7.60 -4.99 5.99
CA MET A 38 -8.77 -4.96 6.87
C MET A 38 -9.13 -3.54 7.29
N PHE A 39 -8.16 -2.63 7.20
CA PHE A 39 -8.36 -1.24 7.57
C PHE A 39 -7.86 -0.33 6.44
N PRO A 40 -8.51 -0.41 5.26
CA PRO A 40 -8.02 0.23 4.04
C PRO A 40 -7.74 1.72 4.22
N LYS A 41 -6.59 2.18 3.76
CA LYS A 41 -6.26 3.59 3.91
C LYS A 41 -6.56 4.38 2.64
N SER A 42 -7.08 3.66 1.63
CA SER A 42 -7.61 4.27 0.41
C SER A 42 -8.82 3.45 -0.01
N LYS A 43 -9.57 3.97 -0.98
CA LYS A 43 -10.76 3.28 -1.44
C LYS A 43 -10.45 1.83 -1.82
N MET A 44 -9.30 1.60 -2.45
CA MET A 44 -8.79 0.24 -2.64
C MET A 44 -7.44 0.12 -1.94
N HIS A 45 -7.30 -0.94 -1.15
CA HIS A 45 -6.09 -1.18 -0.39
C HIS A 45 -5.89 -2.68 -0.21
N LEU A 46 -4.88 -3.21 -0.88
CA LEU A 46 -4.60 -4.65 -0.88
C LEU A 46 -3.20 -4.89 -0.35
N LEU A 47 -2.94 -6.12 0.08
CA LEU A 47 -1.60 -6.49 0.54
C LEU A 47 -1.14 -7.72 -0.22
N LEU A 48 0.05 -7.65 -0.81
CA LEU A 48 0.64 -8.82 -1.47
C LEU A 48 1.75 -9.39 -0.58
N MET A 49 1.57 -10.63 -0.14
CA MET A 49 2.46 -11.26 0.82
C MET A 49 3.15 -12.47 0.22
N THR A 50 4.46 -12.58 0.45
CA THR A 50 5.17 -13.81 0.13
C THR A 50 4.84 -14.90 1.15
N ARG A 51 4.74 -16.13 0.69
CA ARG A 51 4.48 -17.27 1.56
C ARG A 51 5.78 -17.96 1.96
N ASP A 52 6.91 -17.50 1.41
CA ASP A 52 8.21 -18.06 1.79
C ASP A 52 8.53 -17.79 3.25
N PRO A 53 8.71 -18.86 4.04
CA PRO A 53 8.86 -18.74 5.50
C PRO A 53 10.17 -18.08 5.90
N HIS A 54 11.18 -18.06 5.05
N HIS A 54 11.11 -18.06 4.97
CA HIS A 54 12.34 -17.26 5.44
CA HIS A 54 12.42 -17.46 5.15
C HIS A 54 12.02 -15.79 5.22
C HIS A 54 12.49 -16.04 4.58
N LEU A 55 11.79 -15.46 3.97
N LEU A 55 11.47 -15.63 3.84
CA LEU A 55 11.64 -14.07 3.52
CA LEU A 55 11.44 -14.29 3.27
C LEU A 55 10.52 -13.31 4.23
C LEU A 55 10.43 -13.39 3.96
N THR A 56 9.45 -14.00 4.62
CA THR A 56 8.34 -13.29 5.24
C THR A 56 8.75 -12.44 6.45
N HIS A 57 9.85 -12.83 7.10
CA HIS A 57 10.34 -12.14 8.27
C HIS A 57 11.53 -11.22 7.98
N VAL A 58 11.97 -11.17 6.72
CA VAL A 58 13.02 -10.25 6.33
C VAL A 58 12.46 -8.81 6.28
N HIS A 59 13.22 -7.86 6.83
CA HIS A 59 12.80 -6.45 6.80
C HIS A 59 12.75 -5.96 5.34
N PRO A 60 11.70 -5.21 4.99
CA PRO A 60 11.48 -4.73 3.62
C PRO A 60 12.66 -3.95 3.01
N LEU A 61 13.37 -3.17 3.80
CA LEU A 61 14.56 -2.50 3.30
C LEU A 61 15.65 -3.49 2.88
N GLU A 62 15.79 -4.58 3.63
CA GLU A 62 16.72 -5.66 3.29
C GLU A 62 16.28 -6.37 2.02
N ILE A 63 14.97 -6.55 1.89
CA ILE A 63 14.38 -7.11 0.69
C ILE A 63 14.76 -6.28 -0.53
N MET A 64 14.51 -4.97 -0.46
CA MET A 64 14.85 -4.04 -1.54
C MET A 64 16.34 -4.05 -1.87
N MET A 65 17.18 -4.14 -0.84
CA MET A 65 18.62 -4.11 -1.04
C MET A 65 19.18 -5.42 -1.60
N LYS A 66 18.78 -6.55 -1.00
CA LYS A 66 19.47 -7.81 -1.24
C LYS A 66 18.59 -8.95 -1.73
N HIS A 67 17.32 -8.71 -1.98
CA HIS A 67 16.46 -9.76 -2.53
C HIS A 67 15.73 -9.28 -3.77
N ARG A 68 16.49 -8.90 -4.79
CA ARG A 68 15.91 -8.34 -6.00
C ARG A 68 15.02 -9.33 -6.74
N SER A 69 15.29 -10.61 -6.60
CA SER A 69 14.55 -11.60 -7.36
C SER A 69 13.12 -11.70 -6.81
N LEU A 70 12.97 -11.53 -5.50
CA LEU A 70 11.64 -11.44 -4.91
C LEU A 70 10.95 -10.16 -5.36
N VAL A 71 11.67 -9.04 -5.33
CA VAL A 71 11.13 -7.77 -5.79
C VAL A 71 10.61 -7.88 -7.22
N GLU A 72 11.40 -8.48 -8.11
CA GLU A 72 10.98 -8.65 -9.51
C GLU A 72 9.77 -9.57 -9.64
N LYS A 73 9.76 -10.65 -8.88
CA LYS A 73 8.63 -11.57 -8.90
C LYS A 73 7.33 -10.87 -8.47
N LEU A 74 7.39 -10.10 -7.39
CA LEU A 74 6.21 -9.39 -6.90
C LEU A 74 5.66 -8.43 -7.97
N VAL A 75 6.57 -7.74 -8.64
CA VAL A 75 6.21 -6.81 -9.70
C VAL A 75 5.60 -7.54 -10.90
N SER A 76 6.15 -8.72 -11.21
CA SER A 76 5.60 -9.56 -12.28
C SER A 76 4.14 -9.95 -12.00
N TYR A 77 3.87 -10.39 -10.78
CA TYR A 77 2.49 -10.67 -10.37
C TYR A 77 1.58 -9.46 -10.55
N VAL A 78 2.02 -8.30 -10.06
CA VAL A 78 1.19 -7.10 -10.10
C VAL A 78 0.90 -6.62 -11.52
N GLN A 79 1.88 -6.75 -12.40
CA GLN A 79 1.69 -6.34 -13.80
C GLN A 79 1.15 -7.48 -14.67
N GLY A 80 1.13 -8.69 -14.12
CA GLY A 80 0.76 -9.85 -14.92
C GLY A 80 -0.49 -10.55 -14.43
N ASP A 81 -0.30 -11.71 -13.80
CA ASP A 81 -1.41 -12.58 -13.44
C ASP A 81 -2.46 -11.94 -12.53
N LEU A 82 -2.09 -10.87 -11.82
CA LEU A 82 -3.00 -10.21 -10.90
C LEU A 82 -3.56 -8.91 -11.44
N SER A 83 -3.10 -8.48 -12.61
CA SER A 83 -3.45 -7.16 -13.09
C SER A 83 -4.95 -6.99 -13.33
N GLY A 84 -5.55 -7.96 -14.01
CA GLY A 84 -6.99 -7.94 -14.24
C GLY A 84 -7.74 -7.93 -12.93
N LEU A 85 -7.31 -8.78 -12.02
CA LEU A 85 -7.91 -8.88 -10.71
C LEU A 85 -7.84 -7.52 -9.98
N ILE A 86 -6.67 -6.88 -10.05
CA ILE A 86 -6.48 -5.63 -9.34
C ILE A 86 -7.35 -4.53 -9.94
N PHE A 87 -7.41 -4.44 -11.27
CA PHE A 87 -8.23 -3.44 -11.93
C PHE A 87 -9.71 -3.63 -11.58
N ASP A 88 -10.14 -4.88 -11.37
CA ASP A 88 -11.54 -5.11 -11.04
C ASP A 88 -11.86 -4.67 -9.62
N GLU A 89 -10.98 -5.02 -8.68
CA GLU A 89 -11.07 -4.53 -7.31
C GLU A 89 -11.17 -3.01 -7.31
N ALA A 90 -10.31 -2.37 -8.08
CA ALA A 90 -10.30 -0.92 -8.16
C ALA A 90 -11.60 -0.38 -8.74
N ARG A 91 -12.09 -0.98 -9.83
CA ARG A 91 -13.36 -0.53 -10.42
C ARG A 91 -14.54 -0.71 -9.47
N ASN A 92 -14.54 -1.81 -8.72
CA ASN A 92 -15.58 -2.01 -7.71
C ASN A 92 -15.50 -1.04 -6.56
N CYS A 93 -14.30 -0.55 -6.27
CA CYS A 93 -14.09 0.28 -5.09
C CYS A 93 -14.24 1.75 -5.42
N LEU A 94 -13.96 2.09 -6.67
CA LEU A 94 -14.00 3.46 -7.15
C LEU A 94 -15.18 3.63 -8.09
N SER A 95 -14.99 3.27 -9.36
CA SER A 95 -16.06 3.37 -10.34
C SER A 95 -15.85 2.42 -11.50
N GLN A 96 -16.93 1.80 -11.95
CA GLN A 96 -16.91 0.95 -13.13
C GLN A 96 -16.45 1.69 -14.40
N GLN A 97 -16.62 3.01 -14.42
CA GLN A 97 -16.31 3.81 -15.61
C GLN A 97 -14.84 4.19 -15.74
N LEU A 98 -13.99 3.63 -14.89
CA LEU A 98 -12.56 3.92 -14.96
C LEU A 98 -11.81 2.86 -15.76
N THR A 99 -11.02 3.31 -16.74
CA THR A 99 -10.27 2.40 -17.58
C THR A 99 -8.99 1.98 -16.87
N ASN A 100 -8.40 0.88 -17.34
CA ASN A 100 -7.11 0.42 -16.84
C ASN A 100 -6.05 1.52 -16.82
N GLU A 101 -6.02 2.32 -17.87
CA GLU A 101 -5.03 3.39 -17.95
C GLU A 101 -5.24 4.42 -16.85
N ALA A 102 -6.48 4.88 -16.68
CA ALA A 102 -6.78 5.80 -15.60
C ALA A 102 -6.40 5.20 -14.25
N LEU A 103 -6.71 3.93 -14.05
CA LEU A 103 -6.44 3.25 -12.79
C LEU A 103 -4.95 3.07 -12.53
N CYS A 104 -4.23 2.72 -13.59
CA CYS A 104 -2.81 2.48 -13.50
C CYS A 104 -2.07 3.73 -12.98
N ASN A 105 -2.50 4.90 -13.44
CA ASN A 105 -1.91 6.16 -12.98
C ASN A 105 -2.44 6.63 -11.63
N TYR A 106 -3.26 5.81 -10.98
CA TYR A 106 -3.87 6.24 -9.74
C TYR A 106 -3.66 5.15 -8.70
N ILE A 107 -2.66 4.31 -8.95
CA ILE A 107 -2.33 3.21 -8.06
C ILE A 107 -0.87 3.28 -7.68
N LYS A 108 -0.57 3.00 -6.42
CA LYS A 108 0.81 2.95 -5.95
C LYS A 108 1.09 1.63 -5.22
N VAL A 109 2.34 1.23 -5.28
CA VAL A 109 2.77 -0.07 -4.79
C VAL A 109 4.07 0.12 -4.02
N GLY A 110 4.10 -0.27 -2.75
CA GLY A 110 5.31 -0.14 -1.97
C GLY A 110 5.25 -0.75 -0.58
N PHE A 111 6.40 -0.73 0.08
CA PHE A 111 6.55 -1.19 1.46
C PHE A 111 6.60 0.01 2.39
N HIS A 112 6.11 -0.15 3.61
CA HIS A 112 6.42 0.80 4.68
C HIS A 112 7.85 0.58 5.16
N ALA A 113 8.59 1.67 5.34
CA ALA A 113 9.97 1.57 5.81
C ALA A 113 10.07 0.98 7.23
N GLY A 114 9.06 1.24 8.05
CA GLY A 114 8.99 0.62 9.36
C GLY A 114 7.63 -0.03 9.58
N PRO A 115 7.50 -1.32 9.25
CA PRO A 115 6.23 -2.03 9.37
C PRO A 115 5.83 -2.23 10.83
N SER A 116 4.53 -2.37 11.10
CA SER A 116 4.08 -2.82 12.42
C SER A 116 3.84 -4.32 12.40
N MET A 117 3.34 -4.83 11.28
CA MET A 117 3.14 -6.28 11.13
C MET A 117 4.40 -6.96 10.64
N ASN A 118 4.66 -8.16 11.17
CA ASN A 118 5.93 -8.85 10.98
C ASN A 118 6.02 -9.66 9.69
N ASN A 119 4.88 -9.98 9.10
CA ASN A 119 4.89 -10.77 7.88
C ASN A 119 4.95 -9.88 6.63
N LEU A 120 6.08 -9.94 5.91
CA LEU A 120 6.33 -9.05 4.77
C LEU A 120 5.11 -8.87 3.87
N HIS A 121 4.75 -7.63 3.62
CA HIS A 121 3.55 -7.36 2.83
C HIS A 121 3.74 -6.09 2.01
N LEU A 122 3.39 -6.19 0.74
CA LEU A 122 3.50 -5.06 -0.18
C LEU A 122 2.13 -4.41 -0.30
N HIS A 123 2.05 -3.10 -0.03
CA HIS A 123 0.81 -2.34 -0.22
C HIS A 123 0.56 -2.00 -1.69
N ILE A 124 -0.66 -2.25 -2.14
CA ILE A 124 -1.12 -1.91 -3.47
C ILE A 124 -2.41 -1.19 -3.23
N MET A 125 -2.48 0.08 -3.61
CA MET A 125 -3.59 0.91 -3.18
C MET A 125 -3.77 2.09 -4.12
N THR A 126 -4.99 2.62 -4.15
CA THR A 126 -5.30 3.82 -4.91
C THR A 126 -4.73 5.07 -4.22
N LEU A 127 -4.65 6.18 -4.94
CA LEU A 127 -3.98 7.37 -4.42
C LEU A 127 -4.88 8.26 -3.56
N ASP A 128 -6.19 8.05 -3.63
CA ASP A 128 -7.18 8.98 -3.04
C ASP A 128 -6.98 9.26 -1.55
N HIS A 129 -6.64 8.23 -0.78
CA HIS A 129 -6.66 8.30 0.67
C HIS A 129 -7.98 8.79 1.25
N VAL A 130 -9.08 8.44 0.58
CA VAL A 130 -10.42 8.68 1.11
C VAL A 130 -10.94 7.37 1.72
N SER A 131 -11.06 7.36 3.05
CA SER A 131 -11.43 6.14 3.77
C SER A 131 -11.71 6.42 5.24
N PRO A 132 -12.77 5.81 5.77
CA PRO A 132 -13.07 5.91 7.21
C PRO A 132 -11.91 5.43 8.07
N SER A 133 -11.15 4.45 7.59
CA SER A 133 -10.04 3.88 8.35
C SER A 133 -8.80 4.78 8.43
N LEU A 134 -8.75 5.80 7.59
CA LEU A 134 -7.66 6.76 7.66
C LEU A 134 -8.02 7.77 8.76
N LYS A 135 -7.46 7.57 9.95
CA LYS A 135 -7.97 8.25 11.13
C LYS A 135 -7.01 9.24 11.78
N ASN A 136 -5.75 9.19 11.40
CA ASN A 136 -4.77 10.12 11.95
C ASN A 136 -3.67 10.48 10.98
N SER A 137 -2.93 11.53 11.31
CA SER A 137 -1.92 12.09 10.44
C SER A 137 -0.82 11.09 10.10
N ALA A 138 -0.44 10.27 11.07
CA ALA A 138 0.61 9.27 10.83
C ALA A 138 0.20 8.28 9.74
N HIS A 139 -1.06 7.86 9.75
CA HIS A 139 -1.61 7.06 8.65
C HIS A 139 -1.27 7.72 7.32
N TYR A 140 -1.73 8.96 7.16
CA TYR A 140 -1.59 9.68 5.91
C TYR A 140 -0.14 9.88 5.50
N ILE A 141 0.69 10.33 6.44
CA ILE A 141 2.08 10.62 6.14
C ILE A 141 2.85 9.36 5.77
N SER A 142 2.51 8.24 6.40
CA SER A 142 3.21 6.98 6.16
C SER A 142 3.06 6.49 4.71
N PHE A 143 1.99 6.91 4.03
CA PHE A 143 1.77 6.48 2.65
C PHE A 143 2.11 7.53 1.60
N THR A 144 2.47 8.74 2.04
CA THR A 144 2.66 9.86 1.12
C THR A 144 4.01 10.56 1.28
N SER A 145 4.92 9.90 1.98
CA SER A 145 6.23 10.48 2.23
C SER A 145 7.25 9.41 1.88
N PRO A 146 8.55 9.70 2.09
CA PRO A 146 9.59 8.71 1.83
C PRO A 146 9.45 7.47 2.71
N PHE A 147 8.60 7.56 3.73
CA PHE A 147 8.37 6.41 4.59
C PHE A 147 7.75 5.28 3.76
N PHE A 148 6.98 5.67 2.75
CA PHE A 148 6.42 4.72 1.82
C PHE A 148 7.45 4.49 0.74
N VAL A 149 8.01 3.29 0.73
CA VAL A 149 9.07 2.97 -0.21
C VAL A 149 8.44 2.30 -1.43
N LYS A 150 8.25 3.08 -2.48
CA LYS A 150 7.75 2.54 -3.75
C LYS A 150 8.61 1.38 -4.26
N ILE A 151 7.96 0.39 -4.84
CA ILE A 151 8.61 -0.85 -5.25
C ILE A 151 9.68 -0.64 -6.34
N ASP A 152 9.61 0.50 -7.04
CA ASP A 152 10.62 0.81 -8.07
C ASP A 152 11.67 1.84 -7.62
N THR A 153 11.81 2.01 -6.31
CA THR A 153 12.86 2.89 -5.79
C THR A 153 14.22 2.30 -6.09
N PRO A 154 15.12 3.09 -6.70
CA PRO A 154 16.47 2.57 -6.84
C PRO A 154 17.10 2.35 -5.47
N THR A 155 17.90 1.29 -5.37
CA THR A 155 18.50 0.87 -4.11
C THR A 155 19.34 1.97 -3.44
N SER A 156 20.06 2.75 -4.23
CA SER A 156 20.85 3.84 -3.66
C SER A 156 19.97 4.96 -3.10
N ASN A 157 18.68 4.98 -3.42
CA ASN A 157 17.82 6.03 -2.89
C ASN A 157 16.84 5.57 -1.80
N LEU A 158 17.07 4.37 -1.26
CA LEU A 158 16.28 3.91 -0.12
C LEU A 158 16.42 4.91 1.00
N PRO A 159 15.34 5.14 1.75
CA PRO A 159 15.33 6.15 2.80
C PRO A 159 16.23 5.69 3.93
N THR A 160 16.83 6.61 4.65
CA THR A 160 17.64 6.25 5.80
C THR A 160 17.04 6.74 7.10
N ARG A 161 17.48 6.11 8.19
CA ARG A 161 17.12 6.53 9.53
C ARG A 161 17.20 8.05 9.62
N GLY A 162 18.25 8.62 9.05
CA GLY A 162 18.40 10.06 9.01
C GLY A 162 17.29 10.80 8.30
N THR A 163 16.88 10.29 7.14
CA THR A 163 15.87 10.95 6.29
C THR A 163 14.44 10.80 6.82
N LEU A 164 14.22 9.74 7.59
CA LEU A 164 12.92 9.45 8.14
C LEU A 164 12.65 10.20 9.48
N THR A 165 13.69 10.78 10.06
CA THR A 165 13.57 11.39 11.39
C THR A 165 12.44 12.41 11.53
N SER A 166 11.59 12.22 12.54
CA SER A 166 10.59 13.22 12.89
C SER A 166 9.58 13.47 11.77
N LEU A 167 9.49 12.50 10.86
CA LEU A 167 8.67 12.63 9.67
C LEU A 167 7.18 12.75 9.99
N PHE A 168 6.72 12.01 11.00
CA PHE A 168 5.30 12.02 11.33
C PHE A 168 4.86 13.31 12.06
N GLN A 169 5.81 14.18 12.38
CA GLN A 169 5.47 15.43 13.06
C GLN A 169 5.27 16.61 12.11
N GLU A 170 5.49 16.37 10.82
CA GLU A 170 5.45 17.48 9.86
C GLU A 170 4.04 17.93 9.52
N ASP A 171 3.94 19.11 8.92
CA ASP A 171 2.67 19.62 8.46
C ASP A 171 2.08 18.68 7.41
N LEU A 172 0.76 18.69 7.33
CA LEU A 172 0.04 17.87 6.37
C LEU A 172 -0.04 18.58 5.03
N LYS A 173 0.31 17.86 3.97
CA LYS A 173 0.31 18.40 2.62
C LYS A 173 -0.50 17.50 1.68
N CYS A 174 -1.44 18.08 0.94
CA CYS A 174 -2.16 17.33 -0.09
C CYS A 174 -1.19 16.76 -1.12
N TRP A 175 -1.28 15.46 -1.36
CA TRP A 175 -0.38 14.78 -2.29
C TRP A 175 -0.65 15.22 -3.74
N ARG A 176 -1.88 15.65 -4.01
CA ARG A 176 -2.28 15.98 -5.37
C ARG A 176 -2.03 17.44 -5.79
N CYS A 177 -2.33 18.40 -4.92
CA CYS A 177 -2.21 19.81 -5.30
C CYS A 177 -1.19 20.61 -4.52
N GLY A 178 -0.62 20.03 -3.46
CA GLY A 178 0.40 20.72 -2.69
C GLY A 178 -0.08 21.61 -1.54
N GLU A 179 -1.38 21.82 -1.42
CA GLU A 179 -1.92 22.63 -0.33
C GLU A 179 -1.53 22.08 1.05
N THR A 180 -1.29 22.99 1.99
CA THR A 180 -0.86 22.63 3.35
C THR A 180 -1.98 22.82 4.38
N PHE A 181 -1.95 22.04 5.45
CA PHE A 181 -3.04 22.07 6.42
C PHE A 181 -2.54 22.06 7.86
N GLY A 182 -1.25 22.35 8.05
CA GLY A 182 -0.67 22.29 9.37
C GLY A 182 -0.92 20.90 9.94
N ARG A 183 -1.48 20.86 11.15
CA ARG A 183 -1.80 19.58 11.76
C ARG A 183 -3.31 19.40 11.83
N HIS A 184 -4.03 20.12 10.98
CA HIS A 184 -5.48 20.04 10.93
C HIS A 184 -5.93 18.81 10.13
N PHE A 185 -5.77 17.63 10.73
CA PHE A 185 -6.06 16.39 10.04
C PHE A 185 -7.47 16.35 9.44
N THR A 186 -8.44 16.82 10.21
CA THR A 186 -9.84 16.82 9.80
C THR A 186 -10.08 17.66 8.56
N LYS A 187 -9.26 18.71 8.40
CA LYS A 187 -9.36 19.60 7.24
C LYS A 187 -8.79 18.92 6.00
N LEU A 188 -7.65 18.26 6.17
CA LEU A 188 -7.08 17.42 5.12
C LEU A 188 -8.13 16.39 4.65
N LYS A 189 -8.75 15.69 5.59
CA LYS A 189 -9.74 14.66 5.24
C LYS A 189 -10.78 15.20 4.27
N ALA A 190 -11.37 16.33 4.63
CA ALA A 190 -12.42 16.93 3.83
C ALA A 190 -11.87 17.35 2.47
N HIS A 191 -10.63 17.82 2.47
CA HIS A 191 -9.98 18.18 1.23
C HIS A 191 -9.73 16.96 0.34
N LEU A 192 -9.27 15.86 0.94
CA LEU A 192 -9.04 14.64 0.17
C LEU A 192 -10.32 14.20 -0.52
N GLN A 193 -11.44 14.33 0.16
CA GLN A 193 -12.72 13.95 -0.43
C GLN A 193 -12.98 14.77 -1.68
N GLU A 194 -12.72 16.07 -1.60
CA GLU A 194 -12.94 16.98 -2.73
C GLU A 194 -11.99 16.65 -3.87
N GLU A 195 -10.74 16.34 -3.53
CA GLU A 195 -9.73 15.97 -4.52
C GLU A 195 -10.18 14.72 -5.25
N TYR A 196 -10.81 13.79 -4.54
CA TYR A 196 -11.24 12.55 -5.16
C TYR A 196 -12.40 12.77 -6.12
N ASP A 197 -13.39 13.55 -5.68
CA ASP A 197 -14.52 13.87 -6.53
C ASP A 197 -14.07 14.60 -7.78
N ASP A 198 -13.08 15.47 -7.63
CA ASP A 198 -12.56 16.21 -8.78
C ASP A 198 -11.88 15.26 -9.75
N TRP A 199 -11.00 14.40 -9.23
CA TRP A 199 -10.30 13.43 -10.05
C TRP A 199 -11.27 12.45 -10.73
N LEU A 200 -12.24 11.96 -9.98
CA LEU A 200 -13.21 11.03 -10.54
C LEU A 200 -14.00 11.66 -11.68
N ASP A 201 -14.46 12.89 -11.46
CA ASP A 201 -15.29 13.58 -12.44
C ASP A 201 -14.52 13.83 -13.74
N LYS A 202 -13.22 14.09 -13.61
CA LYS A 202 -12.36 14.36 -14.76
C LYS A 202 -11.90 13.06 -15.44
N SER A 203 -11.95 11.95 -14.71
CA SER A 203 -11.40 10.70 -15.22
C SER A 203 -12.45 9.78 -15.85
N VAL A 204 -13.68 9.80 -15.34
CA VAL A 204 -14.70 8.92 -15.90
C VAL A 204 -14.89 9.25 -17.37
N SER A 205 -15.16 10.53 -17.66
P AMP D . 2.51 -1.83 8.11
O1P AMP D . 2.85 -2.97 9.02
O2P AMP D . 3.30 -1.79 6.82
O3P AMP D . 2.31 -0.52 8.80
O5' AMP D . 1.06 -2.10 7.55
C5' AMP D . 0.23 -3.13 8.08
C4' AMP D . -1.11 -3.14 7.41
O4' AMP D . -1.87 -4.28 7.84
C3' AMP D . -1.97 -1.90 7.68
O3' AMP D . -2.35 -1.30 6.45
C2' AMP D . -3.23 -2.47 8.39
O2' AMP D . -4.43 -1.81 8.06
C1' AMP D . -3.23 -3.92 7.94
N9 AMP D . -3.86 -4.86 8.87
C8 AMP D . -3.74 -4.84 10.21
N7 AMP D . -4.39 -5.90 10.75
C5 AMP D . -4.93 -6.61 9.75
C6 AMP D . -5.74 -7.84 9.63
N6 AMP D . -6.13 -8.52 10.73
N1 AMP D . -6.09 -8.26 8.39
C2 AMP D . -5.71 -7.58 7.30
N3 AMP D . -4.98 -6.45 7.33
C4 AMP D . -4.57 -5.93 8.52
C1 BME E . 5.57 1.65 -9.01
C2 BME E . 5.76 2.29 -7.64
O1 BME E . 4.27 1.09 -9.07
S2 BME E . 4.19 2.86 -6.97
C1 BME F . 3.20 3.34 11.55
C2 BME F . 2.53 3.72 10.25
O1 BME F . 2.40 2.40 12.23
S2 BME F . 0.82 4.27 10.49
ZN ZN G . -5.30 19.07 -2.90
#